data_3BNQ
#
_entry.id   3BNQ
#
_cell.length_a   71.266
_cell.length_b   76.056
_cell.length_c   55.912
_cell.angle_alpha   90.000
_cell.angle_beta   117.060
_cell.angle_gamma   90.000
#
_symmetry.space_group_name_H-M   'C 1 2 1'
#
loop_
_entity.id
_entity.type
_entity.pdbx_description
1 polymer 'A site of human mitochondrial ribosome, A chain'
2 polymer 'A site of human mitochondrial ribosome, B chain'
3 non-polymer 'STRONTIUM ION'
4 non-polymer 'POTASSIUM ION'
5 non-polymer PAROMOMYCIN
6 water water
#
loop_
_entity_poly.entity_id
_entity_poly.type
_entity_poly.pdbx_seq_one_letter_code
_entity_poly.pdbx_strand_id
1 'polyribonucleotide' UUGCGUCACC(5BU)CGAGCAAGUCGC A,B,C
2 'polyribonucleotide' GCGUCACC(5BU)CGAGCAAGUCGC D
#
loop_
_chem_comp.id
_chem_comp.type
_chem_comp.name
_chem_comp.formula
5BU RNA linking 5-BROMO-URIDINE-5'-MONOPHOSPHATE 'C9 H12 Br N2 O9 P'
A RNA linking ADENOSINE-5'-MONOPHOSPHATE 'C10 H14 N5 O7 P'
C RNA linking CYTIDINE-5'-MONOPHOSPHATE 'C9 H14 N3 O8 P'
G RNA linking GUANOSINE-5'-MONOPHOSPHATE 'C10 H14 N5 O8 P'
K non-polymer 'POTASSIUM ION' 'K 1'
PAR non-polymer PAROMOMYCIN 'C23 H45 N5 O14'
SR non-polymer 'STRONTIUM ION' 'Sr 2'
U RNA linking URIDINE-5'-MONOPHOSPHATE 'C9 H13 N2 O9 P'
#
# COMPACT_ATOMS: atom_id res chain seq x y z
P 5BU A 11 0.59 1.84 -8.10
OP1 5BU A 11 0.54 0.74 -7.11
OP2 5BU A 11 -0.06 1.64 -9.42
O5' 5BU A 11 -0.07 3.10 -7.40
C5' 5BU A 11 0.26 3.43 -6.07
C4' 5BU A 11 -0.53 4.64 -5.63
O4' 5BU A 11 -0.15 5.78 -6.44
C3' 5BU A 11 -2.03 4.56 -5.84
O3' 5BU A 11 -2.67 3.79 -4.82
C2' 5BU A 11 -2.40 6.03 -5.74
O2' 5BU A 11 -2.28 6.49 -4.41
C1' 5BU A 11 -1.27 6.65 -6.56
N1 5BU A 11 -1.58 6.83 -7.98
C2 5BU A 11 -2.37 7.92 -8.34
O2 5BU A 11 -2.86 8.65 -7.52
N3 5BU A 11 -2.54 8.09 -9.69
C4 5BU A 11 -2.04 7.28 -10.69
O4 5BU A 11 -2.15 7.61 -11.87
C5 5BU A 11 -1.30 6.14 -10.24
C6 5BU A 11 -1.09 5.96 -8.93
BR 5BU A 11 -0.85 4.73 -11.48
P 5BU B 11 -4.67 2.83 -23.35
OP1 5BU B 11 -4.03 3.51 -24.51
OP2 5BU B 11 -4.02 2.88 -22.02
O5' 5BU B 11 -6.14 3.42 -23.17
C5' 5BU B 11 -7.05 3.49 -24.26
C4' 5BU B 11 -8.37 4.06 -23.80
O4' 5BU B 11 -9.06 3.10 -22.95
C3' 5BU B 11 -8.27 5.30 -22.94
O3' 5BU B 11 -8.07 6.47 -23.73
C2' 5BU B 11 -9.62 5.30 -22.24
O2' 5BU B 11 -10.67 5.80 -23.05
C1' 5BU B 11 -9.82 3.80 -21.97
N1 5BU B 11 -9.34 3.40 -20.63
C2 5BU B 11 -10.14 3.72 -19.56
O2 5BU B 11 -11.20 4.31 -19.68
N3 5BU B 11 -9.66 3.30 -18.34
C4 5BU B 11 -8.48 2.64 -18.10
O4 5BU B 11 -8.16 2.35 -16.94
C5 5BU B 11 -7.71 2.35 -19.27
C6 5BU B 11 -8.15 2.73 -20.47
BR 5BU B 11 -5.98 1.55 -19.09
P 5BU C 11 -10.11 -11.04 1.73
OP1 5BU C 11 -9.52 -10.57 0.45
OP2 5BU C 11 -9.21 -11.34 2.87
O5' 5BU C 11 -11.15 -9.91 2.15
C5' 5BU C 11 -12.05 -9.37 1.20
C4' 5BU C 11 -12.92 -8.30 1.83
O4' 5BU C 11 -13.78 -8.90 2.84
C3' 5BU C 11 -12.22 -7.17 2.56
O3' 5BU C 11 -11.73 -6.21 1.63
C2' 5BU C 11 -13.36 -6.63 3.40
O2' 5BU C 11 -14.29 -5.91 2.62
C1' 5BU C 11 -14.04 -7.92 3.85
N1 5BU C 11 -13.55 -8.44 5.13
C2 5BU C 11 -13.98 -7.79 6.28
O2 5BU C 11 -14.67 -6.80 6.26
N3 5BU C 11 -13.55 -8.34 7.46
C4 5BU C 11 -12.72 -9.43 7.60
O4 5BU C 11 -12.49 -9.88 8.72
C5 5BU C 11 -12.28 -10.01 6.36
C6 5BU C 11 -12.70 -9.51 5.20
BR 5BU C 11 -10.80 -11.24 6.39
P 5BU D 9 -3.22 -14.74 15.86
OP1 5BU D 9 -3.56 -15.75 16.91
OP2 5BU D 9 -4.03 -14.68 14.62
O5' 5BU D 9 -3.23 -13.31 16.55
C5' 5BU D 9 -2.70 -13.14 17.86
C4' 5BU D 9 -2.89 -11.71 18.30
O4' 5BU D 9 -2.10 -10.82 17.48
C3' 5BU D 9 -4.30 -11.15 18.20
O3' 5BU D 9 -5.08 -11.57 19.30
C2' 5BU D 9 -4.03 -9.65 18.21
O2' 5BU D 9 -3.78 -9.13 19.51
C1' 5BU D 9 -2.75 -9.56 17.38
N1 5BU D 9 -3.01 -9.30 15.96
C2 5BU D 9 -3.35 -8.02 15.60
O2 5BU D 9 -3.44 -7.11 16.42
N3 5BU D 9 -3.56 -7.82 14.27
C4 5BU D 9 -3.47 -8.76 13.27
O4 5BU D 9 -3.66 -8.42 12.10
C5 5BU D 9 -3.13 -10.06 13.71
C6 5BU D 9 -2.91 -10.28 15.01
BR 5BU D 9 -3.38 -11.53 12.52
SR SR E . -23.38 2.46 -15.20
K K F . -17.37 -12.71 3.03
SR SR G . -19.51 -6.73 -6.93
SR SR H . 1.22 0.15 -17.22
C11 PAR I . 15.16 4.27 2.44
O11 PAR I . 14.79 3.79 3.59
C21 PAR I . 13.95 4.82 1.55
N21 PAR I . 13.18 5.76 2.27
C31 PAR I . 13.05 3.63 1.02
O31 PAR I . 12.03 4.21 0.23
C41 PAR I . 13.99 2.60 0.21
O41 PAR I . 13.13 1.48 -0.29
C51 PAR I . 15.13 2.01 1.20
O51 PAR I . 15.92 3.23 1.63
C61 PAR I . 16.00 1.10 0.48
O61 PAR I . 16.89 0.67 1.35
C12 PAR I . 16.11 3.67 7.73
N12 PAR I . 17.01 3.80 8.93
C22 PAR I . 16.86 2.63 6.66
C32 PAR I . 15.92 2.44 5.35
N32 PAR I . 16.55 1.53 4.36
C42 PAR I . 15.60 3.95 4.68
C52 PAR I . 14.91 4.91 5.76
O52 PAR I . 14.71 6.19 5.05
C62 PAR I . 15.86 5.08 7.00
O62 PAR I . 15.22 5.94 7.94
C13 PAR I . 13.71 7.12 5.53
C23 PAR I . 14.15 8.44 6.10
O23 PAR I . 13.07 9.10 6.80
C33 PAR I . 14.69 9.10 4.86
O33 PAR I . 15.20 10.36 4.93
C43 PAR I . 13.55 8.94 3.82
O43 PAR I . 13.00 7.63 4.35
C53 PAR I . 14.05 8.77 2.26
O53 PAR I . 15.16 7.93 2.16
C14 PAR I . 16.39 10.58 5.67
C24 PAR I . 16.65 12.16 5.55
N24 PAR I . 16.73 12.52 4.10
C34 PAR I . 18.02 12.43 6.41
O34 PAR I . 17.75 12.02 7.79
C44 PAR I . 19.30 11.55 5.75
O44 PAR I . 19.57 11.96 4.36
C54 PAR I . 18.91 9.93 5.83
O54 PAR I . 17.59 9.76 5.08
C64 PAR I . 20.08 9.07 5.20
N64 PAR I . 19.65 7.72 4.93
SR SR J . -5.87 -16.01 7.25
SR SR K . -22.48 -8.06 18.60
SR SR L . -25.90 -9.04 12.48
K K M . 4.48 8.36 -7.34
SR SR N . 4.36 5.56 4.53
SR SR O . -26.59 -15.82 8.97
#